data_2MU9
#
_entry.id   2MU9
#
_cell.length_a   1.000
_cell.length_b   1.000
_cell.length_c   1.000
_cell.angle_alpha   90.00
_cell.angle_beta   90.00
_cell.angle_gamma   90.00
#
_symmetry.space_group_name_H-M   'P 1'
#
_entity_poly.entity_id   1
_entity_poly.type   'polypeptide(L)'
_entity_poly.pdbx_seq_one_letter_code
;KMNMLKENVDYIQKNQNLFK
;
_entity_poly.pdbx_strand_id   A
#
# COMPACT_ATOMS: atom_id res chain seq x y z
N LYS A 1 7.50 10.53 10.69
CA LYS A 1 6.86 10.05 9.44
C LYS A 1 7.39 8.60 9.30
N MET A 2 6.78 7.67 10.07
CA MET A 2 7.17 6.25 10.07
C MET A 2 5.94 5.31 10.30
N ASN A 3 5.03 5.34 9.31
CA ASN A 3 3.80 4.52 9.25
C ASN A 3 3.44 4.32 7.76
N MET A 4 3.34 5.40 6.94
CA MET A 4 3.08 5.28 5.48
C MET A 4 4.36 4.86 4.66
N LEU A 5 5.31 4.12 5.28
CA LEU A 5 6.55 3.61 4.66
C LEU A 5 6.19 2.30 3.88
N LYS A 6 5.69 1.30 4.63
CA LYS A 6 5.21 0.00 4.11
C LYS A 6 3.74 0.15 3.66
N GLU A 7 2.87 0.88 4.41
CA GLU A 7 1.45 1.12 4.03
C GLU A 7 1.32 1.86 2.68
N ASN A 8 2.18 2.86 2.33
CA ASN A 8 2.11 3.52 0.99
C ASN A 8 2.45 2.49 -0.14
N VAL A 9 3.55 1.73 0.03
CA VAL A 9 4.01 0.67 -0.88
C VAL A 9 2.98 -0.55 -1.03
N ASP A 10 2.03 -0.69 -0.09
CA ASP A 10 0.95 -1.68 -0.06
C ASP A 10 -0.29 -1.05 -0.76
N TYR A 11 -0.56 0.28 -0.59
CA TYR A 11 -1.66 1.05 -1.22
C TYR A 11 -1.57 1.15 -2.78
N ILE A 12 -0.37 1.42 -3.33
CA ILE A 12 -0.11 1.49 -4.80
C ILE A 12 -0.36 0.06 -5.39
N GLN A 13 0.26 -0.98 -4.78
CA GLN A 13 0.06 -2.39 -5.17
C GLN A 13 -1.44 -2.82 -4.96
N LYS A 14 -2.16 -2.28 -3.93
CA LYS A 14 -3.60 -2.59 -3.70
C LYS A 14 -4.55 -2.02 -4.81
N ASN A 15 -4.25 -0.84 -5.39
CA ASN A 15 -5.04 -0.23 -6.49
C ASN A 15 -5.12 -1.06 -7.81
N GLN A 16 -3.94 -1.47 -8.28
CA GLN A 16 -3.73 -2.25 -9.50
C GLN A 16 -3.97 -3.79 -9.40
N ASN A 17 -3.49 -4.44 -8.32
CA ASN A 17 -3.65 -5.89 -8.07
C ASN A 17 -5.00 -6.31 -7.38
N LEU A 18 -5.55 -5.49 -6.46
CA LEU A 18 -6.84 -5.75 -5.76
C LEU A 18 -6.90 -7.09 -4.97
N PHE A 19 -6.02 -7.24 -3.96
CA PHE A 19 -5.92 -8.43 -3.09
C PHE A 19 -6.86 -8.39 -1.83
N LYS A 20 -8.19 -8.22 -2.03
CA LYS A 20 -9.18 -8.18 -0.94
C LYS A 20 -9.58 -9.60 -0.47
N LYS A 1 11.11 9.16 10.19
CA LYS A 1 10.34 7.97 9.75
C LYS A 1 9.04 8.58 9.16
N MET A 2 9.16 9.11 7.92
CA MET A 2 8.03 9.75 7.20
C MET A 2 8.10 9.44 5.67
N ASN A 3 8.02 8.13 5.36
CA ASN A 3 8.02 7.57 4.00
C ASN A 3 7.06 6.36 4.03
N MET A 4 7.33 5.30 4.84
CA MET A 4 6.42 4.13 4.96
C MET A 4 5.08 4.37 5.75
N LEU A 5 4.66 5.64 5.91
CA LEU A 5 3.43 6.08 6.57
C LEU A 5 2.31 5.97 5.51
N LYS A 6 2.25 6.94 4.57
CA LYS A 6 1.28 6.93 3.45
C LYS A 6 1.66 5.83 2.40
N GLU A 7 2.98 5.55 2.15
CA GLU A 7 3.42 4.49 1.20
C GLU A 7 3.01 3.08 1.71
N ASN A 8 3.09 2.75 3.03
CA ASN A 8 2.63 1.39 3.50
C ASN A 8 1.08 1.24 3.26
N VAL A 9 0.29 2.28 3.63
CA VAL A 9 -1.17 2.36 3.43
C VAL A 9 -1.64 2.38 1.92
N ASP A 10 -0.69 2.56 0.97
CA ASP A 10 -0.87 2.55 -0.49
C ASP A 10 -0.45 1.12 -1.00
N TYR A 11 0.62 0.50 -0.44
CA TYR A 11 1.13 -0.85 -0.76
C TYR A 11 0.16 -2.02 -0.41
N ILE A 12 -0.46 -1.99 0.80
CA ILE A 12 -1.45 -3.01 1.25
C ILE A 12 -2.70 -2.89 0.33
N GLN A 13 -3.24 -1.66 0.16
CA GLN A 13 -4.38 -1.38 -0.75
C GLN A 13 -4.02 -1.73 -2.24
N LYS A 14 -2.72 -1.60 -2.66
CA LYS A 14 -2.27 -1.95 -4.03
C LYS A 14 -2.33 -3.50 -4.26
N ASN A 15 -1.74 -4.31 -3.35
CA ASN A 15 -1.75 -5.79 -3.40
C ASN A 15 -3.17 -6.44 -3.54
N GLN A 16 -4.05 -6.04 -2.61
CA GLN A 16 -5.46 -6.43 -2.50
C GLN A 16 -6.34 -6.13 -3.76
N ASN A 17 -6.21 -4.92 -4.35
CA ASN A 17 -6.95 -4.51 -5.57
C ASN A 17 -6.63 -5.35 -6.85
N LEU A 18 -5.36 -5.78 -7.04
CA LEU A 18 -4.94 -6.63 -8.19
C LEU A 18 -5.53 -8.07 -8.31
N PHE A 19 -6.02 -8.66 -7.19
CA PHE A 19 -6.60 -10.02 -7.17
C PHE A 19 -8.08 -10.07 -7.72
N LYS A 20 -8.28 -10.03 -9.06
CA LYS A 20 -9.62 -10.07 -9.68
C LYS A 20 -10.12 -11.54 -9.83
N LYS A 1 11.05 7.74 10.99
CA LYS A 1 10.20 6.76 10.27
C LYS A 1 9.05 7.65 9.75
N MET A 2 9.28 8.30 8.58
CA MET A 2 8.28 9.20 7.96
C MET A 2 8.39 9.19 6.39
N ASN A 3 8.08 8.02 5.82
CA ASN A 3 8.06 7.77 4.35
C ASN A 3 7.04 6.64 4.08
N MET A 4 7.13 5.47 4.75
CA MET A 4 6.15 4.36 4.58
C MET A 4 4.84 4.61 5.44
N LEU A 5 4.44 5.89 5.64
CA LEU A 5 3.23 6.32 6.37
C LEU A 5 2.02 6.22 5.38
N LYS A 6 2.11 7.00 4.29
CA LYS A 6 1.13 7.04 3.18
C LYS A 6 1.45 5.92 2.16
N GLU A 7 2.75 5.64 1.86
CA GLU A 7 3.17 4.55 0.95
C GLU A 7 2.75 3.15 1.49
N ASN A 8 2.81 2.85 2.82
CA ASN A 8 2.33 1.53 3.33
C ASN A 8 0.78 1.40 3.09
N VAL A 9 0.02 2.46 3.43
CA VAL A 9 -1.45 2.57 3.23
C VAL A 9 -1.92 2.58 1.72
N ASP A 10 -0.97 2.67 0.75
CA ASP A 10 -1.14 2.63 -0.70
C ASP A 10 -0.72 1.20 -1.18
N TYR A 11 0.32 0.57 -0.58
CA TYR A 11 0.82 -0.80 -0.87
C TYR A 11 -0.16 -1.96 -0.54
N ILE A 12 -0.87 -1.90 0.61
CA ILE A 12 -1.89 -2.92 1.04
C ILE A 12 -3.06 -2.87 0.01
N GLN A 13 -3.64 -1.68 -0.24
CA GLN A 13 -4.70 -1.49 -1.24
C GLN A 13 -4.19 -1.82 -2.69
N LYS A 14 -2.87 -1.61 -3.00
CA LYS A 14 -2.31 -1.96 -4.33
C LYS A 14 -2.23 -3.51 -4.55
N ASN A 15 -1.73 -4.29 -3.55
CA ASN A 15 -1.63 -5.76 -3.59
C ASN A 15 -2.94 -6.50 -3.98
N GLN A 16 -3.99 -6.21 -3.19
CA GLN A 16 -5.34 -6.77 -3.32
C GLN A 16 -6.15 -6.33 -4.58
N ASN A 17 -5.94 -5.09 -5.10
CA ASN A 17 -6.60 -4.58 -6.32
C ASN A 17 -6.18 -5.30 -7.63
N LEU A 18 -4.90 -5.71 -7.78
CA LEU A 18 -4.39 -6.47 -8.96
C LEU A 18 -5.11 -7.83 -9.16
N PHE A 19 -4.98 -8.71 -8.16
CA PHE A 19 -5.61 -10.04 -8.11
C PHE A 19 -6.89 -10.02 -7.20
N LYS A 20 -7.90 -9.16 -7.54
CA LYS A 20 -9.16 -9.04 -6.76
C LYS A 20 -10.17 -10.17 -7.13
N LYS A 1 8.18 10.07 10.89
CA LYS A 1 7.56 9.80 9.58
C LYS A 1 7.78 8.28 9.39
N MET A 2 6.90 7.48 10.04
CA MET A 2 6.96 6.01 10.00
C MET A 2 5.53 5.39 10.02
N ASN A 3 4.75 5.75 8.98
CA ASN A 3 3.37 5.27 8.73
C ASN A 3 3.23 5.13 7.21
N MET A 4 3.40 6.22 6.40
CA MET A 4 3.33 6.14 4.91
C MET A 4 4.56 5.43 4.21
N LEU A 5 5.36 4.66 4.96
CA LEU A 5 6.51 3.88 4.50
C LEU A 5 5.95 2.55 3.97
N LYS A 6 5.55 1.64 4.90
CA LYS A 6 4.93 0.35 4.57
C LYS A 6 3.48 0.54 4.04
N GLU A 7 2.70 1.53 4.54
CA GLU A 7 1.32 1.83 4.05
C GLU A 7 1.36 2.35 2.58
N ASN A 8 2.32 3.21 2.15
CA ASN A 8 2.37 3.63 0.71
C ASN A 8 2.65 2.40 -0.22
N VAL A 9 3.63 1.56 0.16
CA VAL A 9 4.01 0.31 -0.55
C VAL A 9 2.88 -0.80 -0.56
N ASP A 10 1.82 -0.65 0.28
CA ASP A 10 0.64 -1.50 0.40
C ASP A 10 -0.49 -0.86 -0.49
N TYR A 11 -0.62 0.50 -0.51
CA TYR A 11 -1.59 1.28 -1.31
C TYR A 11 -1.40 1.17 -2.86
N ILE A 12 -0.13 1.27 -3.35
CA ILE A 12 0.23 1.14 -4.79
C ILE A 12 -0.10 -0.31 -5.23
N GLN A 13 0.37 -1.32 -4.47
CA GLN A 13 0.07 -2.74 -4.72
C GLN A 13 -1.47 -3.02 -4.58
N LYS A 14 -2.20 -2.32 -3.68
CA LYS A 14 -3.68 -2.47 -3.53
C LYS A 14 -4.49 -1.98 -4.77
N ASN A 15 -4.06 -0.86 -5.42
CA ASN A 15 -4.70 -0.31 -6.64
C ASN A 15 -4.69 -1.23 -7.90
N GLN A 16 -3.48 -1.69 -8.23
CA GLN A 16 -3.19 -2.57 -9.37
C GLN A 16 -3.54 -4.08 -9.23
N ASN A 17 -3.22 -4.69 -8.07
CA ASN A 17 -3.49 -6.12 -7.78
C ASN A 17 -4.89 -6.43 -7.18
N LEU A 18 -5.49 -5.54 -6.35
CA LEU A 18 -6.85 -5.70 -5.76
C LEU A 18 -7.01 -7.02 -4.93
N PHE A 19 -6.37 -7.10 -3.75
CA PHE A 19 -6.41 -8.29 -2.86
C PHE A 19 -7.76 -8.39 -2.04
N LYS A 20 -8.87 -8.87 -2.66
CA LYS A 20 -10.18 -9.01 -1.97
C LYS A 20 -10.25 -10.28 -1.07
N LYS A 1 8.00 10.29 10.14
CA LYS A 1 7.94 9.70 8.78
C LYS A 1 7.86 8.15 8.94
N MET A 2 6.84 7.69 9.70
CA MET A 2 6.57 6.28 10.01
C MET A 2 5.04 5.96 9.93
N ASN A 3 4.47 6.19 8.73
CA ASN A 3 3.06 5.92 8.39
C ASN A 3 3.02 5.28 6.99
N MET A 4 3.64 5.89 5.95
CA MET A 4 3.72 5.31 4.59
C MET A 4 4.77 4.14 4.46
N LEU A 5 5.08 3.42 5.57
CA LEU A 5 6.00 2.27 5.62
C LEU A 5 5.23 1.01 5.12
N LYS A 6 4.15 0.68 5.86
CA LYS A 6 3.23 -0.44 5.56
C LYS A 6 2.11 0.08 4.59
N GLU A 7 1.61 1.33 4.74
CA GLU A 7 0.59 1.92 3.84
C GLU A 7 1.11 2.06 2.39
N ASN A 8 2.40 2.42 2.13
CA ASN A 8 2.92 2.48 0.72
C ASN A 8 2.92 1.04 0.10
N VAL A 9 3.43 0.04 0.86
CA VAL A 9 3.47 -1.39 0.48
C VAL A 9 2.04 -2.07 0.33
N ASP A 10 0.96 -1.39 0.75
CA ASP A 10 -0.46 -1.78 0.66
C ASP A 10 -1.06 -1.02 -0.57
N TYR A 11 -0.67 0.25 -0.83
CA TYR A 11 -1.10 1.11 -1.97
C TYR A 11 -0.68 0.60 -3.39
N ILE A 12 0.57 0.09 -3.55
CA ILE A 12 1.08 -0.49 -4.83
C ILE A 12 0.24 -1.76 -5.15
N GLN A 13 0.16 -2.71 -4.19
CA GLN A 13 -0.66 -3.93 -4.34
C GLN A 13 -2.18 -3.59 -4.48
N LYS A 14 -2.68 -2.45 -3.90
CA LYS A 14 -4.09 -2.02 -4.05
C LYS A 14 -4.41 -1.51 -5.49
N ASN A 15 -3.55 -0.64 -6.08
CA ASN A 15 -3.69 -0.11 -7.46
C ASN A 15 -3.95 -1.20 -8.56
N GLN A 16 -3.03 -2.17 -8.57
CA GLN A 16 -3.00 -3.32 -9.48
C GLN A 16 -3.96 -4.51 -9.12
N ASN A 17 -4.30 -4.70 -7.84
CA ASN A 17 -5.21 -5.78 -7.35
C ASN A 17 -5.93 -5.21 -6.09
N LEU A 18 -7.02 -4.41 -6.24
CA LEU A 18 -7.83 -3.83 -5.12
C LEU A 18 -8.21 -4.77 -3.92
N PHE A 19 -8.55 -6.03 -4.24
CA PHE A 19 -8.88 -7.09 -3.28
C PHE A 19 -7.73 -7.43 -2.26
N LYS A 20 -6.51 -7.67 -2.78
CA LYS A 20 -5.30 -7.96 -1.97
C LYS A 20 -4.36 -6.73 -2.05
N LYS A 1 7.39 9.61 11.25
CA LYS A 1 6.83 9.32 9.91
C LYS A 1 7.13 7.80 9.74
N MET A 2 6.27 6.96 10.36
CA MET A 2 6.39 5.50 10.32
C MET A 2 5.02 4.77 10.22
N ASN A 3 4.27 5.15 9.17
CA ASN A 3 2.96 4.59 8.82
C ASN A 3 2.92 4.50 7.27
N MET A 4 3.03 5.64 6.54
CA MET A 4 3.06 5.62 5.04
C MET A 4 4.37 5.06 4.39
N LEU A 5 5.18 4.30 5.14
CA LEU A 5 6.43 3.64 4.71
C LEU A 5 5.99 2.34 4.00
N LYS A 6 5.62 1.31 4.80
CA LYS A 6 5.11 0.02 4.28
C LYS A 6 3.65 0.17 3.75
N GLU A 7 2.79 1.03 4.34
CA GLU A 7 1.40 1.29 3.86
C GLU A 7 1.41 1.96 2.46
N ASN A 8 2.30 2.94 2.14
CA ASN A 8 2.32 3.52 0.76
C ASN A 8 2.70 2.42 -0.29
N VAL A 9 3.76 1.63 0.01
CA VAL A 9 4.24 0.50 -0.82
C VAL A 9 3.20 -0.69 -0.97
N ASP A 10 2.14 -0.73 -0.14
CA ASP A 10 1.02 -1.69 -0.15
C ASP A 10 -0.15 -1.04 -0.95
N TYR A 11 -0.38 0.30 -0.85
CA TYR A 11 -1.41 1.09 -1.56
C TYR A 11 -1.26 1.12 -3.12
N ILE A 12 -0.03 1.23 -3.66
CA ILE A 12 0.26 1.22 -5.13
C ILE A 12 -0.13 -0.18 -5.67
N GLN A 13 0.40 -1.27 -5.08
CA GLN A 13 0.05 -2.64 -5.44
C GLN A 13 -1.47 -2.94 -5.15
N LYS A 14 -2.10 -2.32 -4.12
CA LYS A 14 -3.55 -2.51 -3.84
C LYS A 14 -4.49 -1.88 -4.93
N ASN A 15 -4.10 -0.74 -5.54
CA ASN A 15 -4.87 -0.07 -6.62
C ASN A 15 -5.06 -0.91 -7.93
N GLN A 16 -3.93 -1.41 -8.42
CA GLN A 16 -3.81 -2.23 -9.64
C GLN A 16 -4.18 -3.75 -9.51
N ASN A 17 -3.74 -4.41 -8.43
CA ASN A 17 -4.00 -5.85 -8.17
C ASN A 17 -5.37 -6.16 -7.47
N LEU A 18 -5.85 -5.30 -6.55
CA LEU A 18 -7.16 -5.45 -5.85
C LEU A 18 -7.35 -6.79 -5.06
N PHE A 19 -6.40 -7.09 -4.16
CA PHE A 19 -6.38 -8.28 -3.29
C PHE A 19 -7.25 -8.11 -2.00
N LYS A 20 -7.28 -9.14 -1.11
CA LYS A 20 -8.07 -9.10 0.15
C LYS A 20 -7.38 -8.21 1.24
N LYS A 1 7.53 10.28 10.59
CA LYS A 1 6.80 9.79 9.41
C LYS A 1 7.26 8.32 9.31
N MET A 2 6.62 7.44 10.11
CA MET A 2 6.93 6.00 10.16
C MET A 2 5.68 5.10 10.33
N ASN A 3 4.72 5.26 9.41
CA ASN A 3 3.45 4.49 9.32
C ASN A 3 3.16 4.25 7.82
N MET A 4 3.15 5.30 6.95
CA MET A 4 2.94 5.14 5.49
C MET A 4 4.23 4.61 4.75
N LEU A 5 5.10 3.83 5.42
CA LEU A 5 6.33 3.22 4.88
C LEU A 5 5.93 1.92 4.11
N LYS A 6 5.32 0.98 4.85
CA LYS A 6 4.80 -0.30 4.35
C LYS A 6 3.35 -0.08 3.81
N GLU A 7 2.48 0.71 4.50
CA GLU A 7 1.11 1.04 4.03
C GLU A 7 1.11 1.76 2.65
N ASN A 8 2.06 2.69 2.34
CA ASN A 8 2.10 3.32 0.99
C ASN A 8 2.43 2.25 -0.10
N VAL A 9 3.47 1.42 0.15
CA VAL A 9 3.91 0.31 -0.72
C VAL A 9 2.82 -0.83 -0.91
N ASP A 10 1.80 -0.88 -0.03
CA ASP A 10 0.66 -1.80 -0.03
C ASP A 10 -0.50 -1.10 -0.81
N TYR A 11 -0.68 0.24 -0.69
CA TYR A 11 -1.70 1.06 -1.40
C TYR A 11 -1.52 1.13 -2.95
N ILE A 12 -0.27 1.32 -3.43
CA ILE A 12 0.08 1.34 -4.89
C ILE A 12 -0.22 -0.08 -5.46
N GLN A 13 0.31 -1.14 -4.80
CA GLN A 13 0.04 -2.54 -5.17
C GLN A 13 -1.49 -2.88 -5.05
N LYS A 14 -2.24 -2.29 -4.07
CA LYS A 14 -3.70 -2.51 -3.93
C LYS A 14 -4.54 -1.91 -5.12
N ASN A 15 -4.13 -0.77 -5.71
CA ASN A 15 -4.81 -0.15 -6.88
C ASN A 15 -4.85 -1.02 -8.18
N GLN A 16 -3.66 -1.50 -8.55
CA GLN A 16 -3.40 -2.34 -9.73
C GLN A 16 -3.74 -3.85 -9.61
N ASN A 17 -3.39 -4.49 -8.48
CA ASN A 17 -3.65 -5.94 -8.21
C ASN A 17 -5.05 -6.26 -7.60
N LEU A 18 -5.64 -5.36 -6.77
CA LEU A 18 -6.99 -5.53 -6.16
C LEU A 18 -7.21 -6.82 -5.31
N PHE A 19 -6.30 -7.05 -4.33
CA PHE A 19 -6.34 -8.17 -3.38
C PHE A 19 -7.27 -7.91 -2.14
N LYS A 20 -7.37 -8.87 -1.19
CA LYS A 20 -8.20 -8.74 0.03
C LYS A 20 -7.54 -7.80 1.09
N LYS A 1 10.76 8.51 10.70
CA LYS A 1 10.09 7.36 10.03
C LYS A 1 8.73 7.96 9.58
N MET A 2 8.76 8.66 8.43
CA MET A 2 7.58 9.33 7.85
C MET A 2 7.60 9.28 6.29
N ASN A 3 7.61 8.04 5.78
CA ASN A 3 7.59 7.71 4.34
C ASN A 3 6.75 6.42 4.21
N MET A 4 7.16 5.27 4.83
CA MET A 4 6.37 4.02 4.79
C MET A 4 5.06 4.01 5.66
N LEU A 5 4.54 5.18 6.03
CA LEU A 5 3.30 5.39 6.80
C LEU A 5 2.15 5.32 5.77
N LYS A 6 1.94 6.40 5.00
CA LYS A 6 0.92 6.46 3.92
C LYS A 6 1.35 5.59 2.70
N GLU A 7 2.67 5.48 2.38
CA GLU A 7 3.16 4.63 1.26
C GLU A 7 2.91 3.13 1.54
N ASN A 8 3.10 2.60 2.79
CA ASN A 8 2.78 1.16 3.06
C ASN A 8 1.25 0.88 2.88
N VAL A 9 0.40 1.76 3.43
CA VAL A 9 -1.08 1.71 3.32
C VAL A 9 -1.61 1.87 1.84
N ASP A 10 -0.78 2.42 0.91
CA ASP A 10 -1.05 2.60 -0.52
C ASP A 10 -0.58 1.29 -1.24
N TYR A 11 0.57 0.69 -0.83
CA TYR A 11 1.14 -0.58 -1.36
C TYR A 11 0.28 -1.86 -1.09
N ILE A 12 -0.25 -2.01 0.15
CA ILE A 12 -1.14 -3.14 0.56
C ILE A 12 -2.46 -3.00 -0.24
N GLN A 13 -3.10 -1.80 -0.21
CA GLN A 13 -4.32 -1.52 -0.98
C GLN A 13 -4.06 -1.65 -2.53
N LYS A 14 -2.83 -1.36 -3.03
CA LYS A 14 -2.49 -1.53 -4.47
C LYS A 14 -2.42 -3.04 -4.89
N ASN A 15 -1.70 -3.88 -4.11
CA ASN A 15 -1.57 -5.34 -4.34
C ASN A 15 -2.91 -6.11 -4.55
N GLN A 16 -3.76 -5.97 -3.52
CA GLN A 16 -5.09 -6.59 -3.44
C GLN A 16 -6.16 -6.11 -4.48
N ASN A 17 -6.11 -4.82 -4.91
CA ASN A 17 -7.03 -4.25 -5.92
C ASN A 17 -6.82 -4.80 -7.36
N LEU A 18 -5.57 -5.07 -7.79
CA LEU A 18 -5.23 -5.65 -9.12
C LEU A 18 -5.86 -7.05 -9.37
N PHE A 19 -5.47 -8.04 -8.54
CA PHE A 19 -5.98 -9.42 -8.59
C PHE A 19 -7.35 -9.60 -7.83
N LYS A 20 -7.89 -10.84 -7.76
CA LYS A 20 -9.15 -11.15 -7.07
C LYS A 20 -8.96 -11.22 -5.54
N LYS A 1 11.52 8.03 10.20
CA LYS A 1 10.74 7.03 9.43
C LYS A 1 9.32 7.64 9.41
N MET A 2 9.11 8.60 8.49
CA MET A 2 7.81 9.30 8.35
C MET A 2 7.54 9.70 6.86
N ASN A 3 7.39 8.67 6.02
CA ASN A 3 7.08 8.78 4.57
C ASN A 3 6.34 7.48 4.17
N MET A 4 6.91 6.27 4.43
CA MET A 4 6.23 4.98 4.13
C MET A 4 5.12 4.63 5.21
N LEU A 5 4.48 5.64 5.83
CA LEU A 5 3.39 5.48 6.83
C LEU A 5 2.05 5.26 6.06
N LYS A 6 1.68 6.26 5.25
CA LYS A 6 0.50 6.26 4.37
C LYS A 6 0.84 5.54 3.02
N GLU A 7 2.06 5.74 2.46
CA GLU A 7 2.51 5.07 1.21
C GLU A 7 2.59 3.53 1.38
N ASN A 8 3.04 2.96 2.54
CA ASN A 8 3.04 1.48 2.73
C ASN A 8 1.57 0.93 2.75
N VAL A 9 0.67 1.60 3.51
CA VAL A 9 -0.76 1.27 3.61
C VAL A 9 -1.55 1.43 2.24
N ASP A 10 -0.99 2.17 1.27
CA ASP A 10 -1.51 2.40 -0.08
C ASP A 10 -0.92 1.27 -1.01
N TYR A 11 0.35 0.84 -0.81
CA TYR A 11 1.04 -0.25 -1.53
C TYR A 11 0.45 -1.67 -1.29
N ILE A 12 0.15 -2.02 -0.01
CA ILE A 12 -0.47 -3.32 0.38
C ILE A 12 -1.91 -3.35 -0.23
N GLN A 13 -2.71 -2.28 0.03
CA GLN A 13 -4.07 -2.14 -0.53
C GLN A 13 -4.04 -2.10 -2.11
N LYS A 14 -2.95 -1.58 -2.74
CA LYS A 14 -2.81 -1.56 -4.22
C LYS A 14 -2.59 -3.01 -4.80
N ASN A 15 -1.64 -3.78 -4.23
CA ASN A 15 -1.33 -5.18 -4.63
C ASN A 15 -2.56 -6.13 -4.72
N GLN A 16 -3.26 -6.22 -3.58
CA GLN A 16 -4.46 -7.03 -3.36
C GLN A 16 -5.72 -6.65 -4.20
N ASN A 17 -5.93 -5.35 -4.50
CA ASN A 17 -7.06 -4.85 -5.32
C ASN A 17 -6.98 -5.27 -6.83
N LEU A 18 -5.78 -5.32 -7.44
CA LEU A 18 -5.55 -5.75 -8.84
C LEU A 18 -6.05 -7.20 -9.14
N PHE A 19 -5.51 -8.18 -8.41
CA PHE A 19 -5.89 -9.61 -8.52
C PHE A 19 -7.08 -10.07 -7.60
N LYS A 20 -8.08 -9.19 -7.34
CA LYS A 20 -9.25 -9.50 -6.49
C LYS A 20 -10.30 -10.40 -7.21
N LYS A 1 11.35 9.49 9.25
CA LYS A 1 10.87 8.32 8.48
C LYS A 1 9.35 8.32 8.78
N MET A 2 8.61 9.18 8.03
CA MET A 2 7.15 9.32 8.17
C MET A 2 6.46 9.61 6.81
N ASN A 3 6.64 8.66 5.87
CA ASN A 3 6.06 8.66 4.52
C ASN A 3 5.73 7.19 4.19
N MET A 4 6.71 6.26 4.17
CA MET A 4 6.43 4.81 3.91
C MET A 4 5.70 4.03 5.07
N LEU A 5 5.07 4.75 6.00
CA LEU A 5 4.30 4.23 7.14
C LEU A 5 2.87 3.97 6.59
N LYS A 6 2.08 5.04 6.37
CA LYS A 6 0.73 4.95 5.78
C LYS A 6 0.80 4.64 4.25
N GLU A 7 1.83 5.11 3.50
CA GLU A 7 2.00 4.81 2.05
C GLU A 7 2.32 3.30 1.85
N ASN A 8 3.15 2.62 2.69
CA ASN A 8 3.39 1.15 2.50
C ASN A 8 2.06 0.35 2.72
N VAL A 9 1.32 0.67 3.79
CA VAL A 9 0.01 0.07 4.14
C VAL A 9 -1.14 0.35 3.08
N ASP A 10 -0.94 1.33 2.17
CA ASP A 10 -1.82 1.73 1.06
C ASP A 10 -1.34 0.93 -0.20
N TYR A 11 -0.01 0.79 -0.42
CA TYR A 11 0.63 0.04 -1.53
C TYR A 11 0.33 -1.49 -1.53
N ILE A 12 0.35 -2.16 -0.36
CA ILE A 12 0.02 -3.61 -0.21
C ILE A 12 -1.49 -3.79 -0.57
N GLN A 13 -2.37 -2.98 0.06
CA GLN A 13 -3.82 -2.98 -0.24
C GLN A 13 -4.11 -2.59 -1.74
N LYS A 14 -3.27 -1.73 -2.37
CA LYS A 14 -3.41 -1.35 -3.80
C LYS A 14 -3.06 -2.55 -4.75
N ASN A 15 -1.89 -3.19 -4.56
CA ASN A 15 -1.42 -4.37 -5.33
C ASN A 15 -2.47 -5.53 -5.46
N GLN A 16 -2.89 -6.00 -4.28
CA GLN A 16 -3.86 -7.08 -4.09
C GLN A 16 -5.30 -6.81 -4.64
N ASN A 17 -5.76 -5.54 -4.63
CA ASN A 17 -7.08 -5.13 -5.16
C ASN A 17 -7.21 -5.23 -6.72
N LEU A 18 -6.13 -4.97 -7.49
CA LEU A 18 -6.10 -5.08 -8.97
C LEU A 18 -6.54 -6.46 -9.52
N PHE A 19 -5.79 -7.51 -9.16
CA PHE A 19 -6.06 -8.91 -9.54
C PHE A 19 -7.24 -9.56 -8.76
N LYS A 20 -7.17 -9.58 -7.42
CA LYS A 20 -8.23 -10.13 -6.54
C LYS A 20 -9.22 -8.99 -6.18
N LYS A 1 8.46 9.56 10.73
CA LYS A 1 8.08 9.19 9.35
C LYS A 1 7.79 7.67 9.42
N MET A 2 6.63 7.32 10.02
CA MET A 2 6.17 5.94 10.21
C MET A 2 4.64 5.76 9.94
N ASN A 3 4.24 6.16 8.71
CA ASN A 3 2.85 6.07 8.21
C ASN A 3 2.92 5.62 6.72
N MET A 4 3.64 6.34 5.82
CA MET A 4 3.80 5.92 4.40
C MET A 4 4.81 4.73 4.15
N LEU A 5 5.11 3.95 5.19
CA LEU A 5 5.99 2.76 5.18
C LEU A 5 5.09 1.57 4.79
N LYS A 6 4.24 1.11 5.73
CA LYS A 6 3.27 0.01 5.49
C LYS A 6 2.13 0.49 4.53
N GLU A 7 1.68 1.77 4.59
CA GLU A 7 0.66 2.32 3.67
C GLU A 7 1.19 2.38 2.21
N ASN A 8 2.47 2.74 1.93
CA ASN A 8 2.98 2.71 0.52
C ASN A 8 2.96 1.24 -0.04
N VAL A 9 3.47 0.28 0.77
CA VAL A 9 3.49 -1.16 0.45
C VAL A 9 2.06 -1.84 0.31
N ASP A 10 0.98 -1.14 0.76
CA ASP A 10 -0.44 -1.53 0.67
C ASP A 10 -1.02 -0.84 -0.62
N TYR A 11 -0.62 0.42 -0.94
CA TYR A 11 -1.02 1.21 -2.12
C TYR A 11 -0.59 0.62 -3.50
N ILE A 12 0.65 0.07 -3.61
CA ILE A 12 1.16 -0.58 -4.85
C ILE A 12 0.31 -1.85 -5.11
N GLN A 13 0.20 -2.76 -4.12
CA GLN A 13 -0.64 -3.97 -4.22
C GLN A 13 -2.16 -3.59 -4.40
N LYS A 14 -2.64 -2.43 -3.88
CA LYS A 14 -4.05 -1.97 -4.05
C LYS A 14 -4.34 -1.53 -5.52
N ASN A 15 -3.47 -0.70 -6.13
CA ASN A 15 -3.60 -0.23 -7.55
C ASN A 15 -3.81 -1.36 -8.61
N GLN A 16 -2.88 -2.32 -8.55
CA GLN A 16 -2.82 -3.50 -9.42
C GLN A 16 -3.80 -4.68 -9.07
N ASN A 17 -4.18 -4.84 -7.78
CA ASN A 17 -5.10 -5.89 -7.32
C ASN A 17 -5.87 -5.31 -6.09
N LEU A 18 -6.95 -4.51 -6.30
CA LEU A 18 -7.81 -3.93 -5.21
C LEU A 18 -8.28 -4.90 -4.09
N PHE A 19 -8.68 -6.12 -4.49
CA PHE A 19 -9.12 -7.22 -3.61
C PHE A 19 -8.02 -7.72 -2.60
N LYS A 20 -6.77 -7.92 -3.08
CA LYS A 20 -5.62 -8.35 -2.26
C LYS A 20 -4.99 -7.13 -1.52
N LYS A 1 10.54 10.67 9.01
CA LYS A 1 10.23 9.85 7.82
C LYS A 1 9.52 8.56 8.33
N MET A 2 8.35 8.76 8.96
CA MET A 2 7.51 7.71 9.56
C MET A 2 6.00 7.98 9.29
N ASN A 3 5.66 8.03 7.99
CA ASN A 3 4.29 8.22 7.45
C ASN A 3 4.09 7.23 6.29
N MET A 4 4.99 7.20 5.28
CA MET A 4 4.90 6.22 4.15
C MET A 4 5.38 4.78 4.57
N LEU A 5 5.25 4.38 5.84
CA LEU A 5 5.61 3.05 6.39
C LEU A 5 4.43 2.07 6.09
N LYS A 6 3.24 2.41 6.63
CA LYS A 6 1.98 1.68 6.44
C LYS A 6 1.28 2.16 5.12
N GLU A 7 1.35 3.48 4.78
CA GLU A 7 0.77 4.02 3.52
C GLU A 7 1.48 3.44 2.27
N ASN A 8 2.83 3.24 2.25
CA ASN A 8 3.50 2.61 1.07
C ASN A 8 3.02 1.12 0.89
N VAL A 9 2.98 0.35 1.98
CA VAL A 9 2.50 -1.05 2.03
C VAL A 9 0.97 -1.21 1.65
N ASP A 10 0.18 -0.11 1.74
CA ASP A 10 -1.24 -0.01 1.38
C ASP A 10 -1.32 0.37 -0.15
N TYR A 11 -0.40 1.23 -0.67
CA TYR A 11 -0.29 1.66 -2.08
C TYR A 11 0.09 0.51 -3.07
N ILE A 12 1.10 -0.32 -2.72
CA ILE A 12 1.54 -1.49 -3.53
C ILE A 12 0.38 -2.53 -3.52
N GLN A 13 -0.15 -2.90 -2.33
CA GLN A 13 -1.31 -3.80 -2.20
C GLN A 13 -2.57 -3.21 -2.93
N LYS A 14 -2.73 -1.86 -3.00
CA LYS A 14 -3.86 -1.21 -3.73
C LYS A 14 -3.78 -1.52 -5.26
N ASN A 15 -2.66 -1.06 -5.88
CA ASN A 15 -2.31 -1.23 -7.32
C ASN A 15 -2.46 -2.65 -7.93
N GLN A 16 -1.89 -3.62 -7.21
CA GLN A 16 -1.91 -5.06 -7.52
C GLN A 16 -3.31 -5.66 -7.82
N ASN A 17 -4.34 -5.29 -7.03
CA ASN A 17 -5.76 -5.68 -7.16
C ASN A 17 -6.27 -6.05 -5.73
N LEU A 18 -6.84 -5.11 -4.93
CA LEU A 18 -7.39 -5.47 -3.58
C LEU A 18 -8.47 -6.60 -3.51
N PHE A 19 -9.32 -6.71 -4.54
CA PHE A 19 -10.40 -7.71 -4.65
C PHE A 19 -9.89 -9.19 -4.86
N LYS A 20 -10.81 -10.17 -5.00
CA LYS A 20 -10.46 -11.60 -5.20
C LYS A 20 -9.91 -11.90 -6.63
N LYS A 1 7.84 9.55 11.36
CA LYS A 1 7.38 8.90 10.12
C LYS A 1 6.98 7.47 10.57
N MET A 2 7.38 6.47 9.78
CA MET A 2 7.14 5.03 10.08
C MET A 2 5.65 4.59 10.14
N ASN A 3 4.93 4.89 9.05
CA ASN A 3 3.50 4.52 8.86
C ASN A 3 3.21 4.58 7.35
N MET A 4 3.19 5.77 6.71
CA MET A 4 2.96 5.87 5.23
C MET A 4 4.17 5.44 4.33
N LEU A 5 5.14 4.70 4.90
CA LEU A 5 6.34 4.16 4.22
C LEU A 5 5.91 2.81 3.59
N LYS A 6 5.75 1.77 4.43
CA LYS A 6 5.28 0.43 3.99
C LYS A 6 3.77 0.47 3.59
N GLU A 7 2.92 1.30 4.26
CA GLU A 7 1.48 1.44 3.91
C GLU A 7 1.33 2.11 2.52
N ASN A 8 2.12 3.14 2.12
CA ASN A 8 2.00 3.73 0.75
C ASN A 8 2.35 2.66 -0.35
N VAL A 9 3.47 1.93 -0.14
CA VAL A 9 3.95 0.84 -1.01
C VAL A 9 2.96 -0.40 -1.10
N ASP A 10 2.02 -0.53 -0.14
CA ASP A 10 0.97 -1.55 -0.07
C ASP A 10 -0.29 -0.97 -0.80
N TYR A 11 -0.61 0.34 -0.66
CA TYR A 11 -1.74 1.06 -1.31
C TYR A 11 -1.67 1.11 -2.87
N ILE A 12 -0.49 1.39 -3.46
CA ILE A 12 -0.26 1.42 -4.94
C ILE A 12 -0.47 -0.04 -5.46
N GLN A 13 0.20 -1.03 -4.84
CA GLN A 13 0.03 -2.45 -5.18
C GLN A 13 -1.44 -2.93 -4.92
N LYS A 14 -2.16 -2.39 -3.90
CA LYS A 14 -3.58 -2.74 -3.63
C LYS A 14 -4.57 -2.23 -4.73
N ASN A 15 -4.32 -1.05 -5.34
CA ASN A 15 -5.16 -0.49 -6.43
C ASN A 15 -5.22 -1.33 -7.74
N GLN A 16 -4.01 -1.68 -8.21
CA GLN A 16 -3.76 -2.45 -9.43
C GLN A 16 -3.94 -4.01 -9.32
N ASN A 17 -3.44 -4.64 -8.24
CA ASN A 17 -3.53 -6.09 -7.99
C ASN A 17 -4.86 -6.55 -7.30
N LEU A 18 -5.41 -5.77 -6.35
CA LEU A 18 -6.70 -6.07 -5.64
C LEU A 18 -6.71 -7.41 -4.82
N PHE A 19 -5.71 -7.56 -3.95
CA PHE A 19 -5.55 -8.73 -3.03
C PHE A 19 -6.53 -8.78 -1.82
N LYS A 20 -6.77 -7.64 -1.14
CA LYS A 20 -7.67 -7.55 0.03
C LYS A 20 -9.16 -7.46 -0.43
N LYS A 1 7.33 11.23 10.98
CA LYS A 1 6.54 10.76 9.81
C LYS A 1 7.30 9.48 9.36
N MET A 2 7.04 8.36 10.07
CA MET A 2 7.70 7.07 9.77
C MET A 2 6.74 5.86 10.03
N ASN A 3 5.66 5.83 9.25
CA ASN A 3 4.61 4.77 9.24
C ASN A 3 4.14 4.57 7.78
N MET A 4 3.73 5.65 7.06
CA MET A 4 3.33 5.56 5.63
C MET A 4 4.56 5.47 4.65
N LEU A 5 5.70 4.90 5.11
CA LEU A 5 6.95 4.70 4.32
C LEU A 5 6.75 3.39 3.48
N LYS A 6 6.57 2.26 4.20
CA LYS A 6 6.31 0.93 3.64
C LYS A 6 4.77 0.77 3.36
N GLU A 7 3.87 1.31 4.23
CA GLU A 7 2.40 1.26 4.01
C GLU A 7 1.99 2.04 2.74
N ASN A 8 2.59 3.20 2.39
CA ASN A 8 2.24 3.91 1.12
C ASN A 8 2.63 3.03 -0.12
N VAL A 9 3.87 2.47 -0.10
CA VAL A 9 4.42 1.56 -1.12
C VAL A 9 3.65 0.17 -1.26
N ASP A 10 2.76 -0.16 -0.28
CA ASP A 10 1.91 -1.34 -0.22
C ASP A 10 0.48 -0.92 -0.73
N TYR A 11 0.01 0.32 -0.42
CA TYR A 11 -1.29 0.91 -0.85
C TYR A 11 -1.44 1.15 -2.38
N ILE A 12 -0.38 1.64 -3.07
CA ILE A 12 -0.36 1.87 -4.55
C ILE A 12 -0.49 0.49 -5.26
N GLN A 13 0.36 -0.49 -4.89
CA GLN A 13 0.29 -1.85 -5.43
C GLN A 13 -1.06 -2.55 -5.00
N LYS A 14 -1.63 -2.24 -3.80
CA LYS A 14 -2.93 -2.82 -3.36
C LYS A 14 -4.16 -2.36 -4.22
N ASN A 15 -4.20 -1.04 -4.60
CA ASN A 15 -5.25 -0.38 -5.42
C ASN A 15 -5.97 -1.18 -6.53
N GLN A 16 -5.13 -1.88 -7.31
CA GLN A 16 -5.52 -2.73 -8.43
C GLN A 16 -6.22 -4.11 -8.09
N ASN A 17 -6.70 -4.26 -6.84
CA ASN A 17 -7.41 -5.44 -6.29
C ASN A 17 -6.52 -6.72 -6.26
N LEU A 18 -5.43 -6.75 -5.44
CA LEU A 18 -4.58 -7.98 -5.35
C LEU A 18 -5.30 -9.27 -4.82
N PHE A 19 -5.95 -9.15 -3.66
CA PHE A 19 -6.73 -10.22 -3.00
C PHE A 19 -8.13 -10.47 -3.67
N LYS A 20 -8.90 -11.47 -3.18
CA LYS A 20 -10.25 -11.79 -3.71
C LYS A 20 -11.32 -10.85 -3.10
N LYS A 1 8.50 9.03 11.28
CA LYS A 1 8.17 8.79 9.87
C LYS A 1 7.78 7.29 9.86
N MET A 2 6.51 7.00 10.24
CA MET A 2 5.98 5.62 10.30
C MET A 2 4.47 5.60 9.90
N ASN A 3 4.22 6.02 8.64
CA ASN A 3 2.89 6.05 7.99
C ASN A 3 3.11 5.68 6.51
N MET A 4 3.94 6.41 5.73
CA MET A 4 4.23 6.06 4.31
C MET A 4 5.06 4.75 4.06
N LEU A 5 5.34 3.98 5.12
CA LEU A 5 6.09 2.72 5.11
C LEU A 5 5.14 1.59 4.65
N LYS A 6 4.26 1.10 5.55
CA LYS A 6 3.27 0.06 5.25
C LYS A 6 2.10 0.59 4.35
N GLU A 7 1.68 1.88 4.49
CA GLU A 7 0.61 2.46 3.63
C GLU A 7 1.07 2.59 2.16
N ASN A 8 2.34 3.02 1.86
CA ASN A 8 2.82 3.07 0.44
C ASN A 8 2.82 1.65 -0.21
N VAL A 9 3.37 0.65 0.52
CA VAL A 9 3.41 -0.77 0.10
C VAL A 9 1.98 -1.43 -0.08
N ASP A 10 0.93 -0.85 0.55
CA ASP A 10 -0.48 -1.27 0.45
C ASP A 10 -1.11 -0.54 -0.79
N TYR A 11 -0.73 0.74 -1.06
CA TYR A 11 -1.18 1.55 -2.22
C TYR A 11 -0.75 1.01 -3.61
N ILE A 12 0.53 0.59 -3.76
CA ILE A 12 1.09 -0.01 -5.00
C ILE A 12 0.35 -1.37 -5.22
N GLN A 13 0.34 -2.25 -4.20
CA GLN A 13 -0.38 -3.53 -4.24
C GLN A 13 -1.93 -3.33 -4.44
N LYS A 14 -2.53 -2.20 -3.99
CA LYS A 14 -3.97 -1.89 -4.21
C LYS A 14 -4.29 -1.53 -5.69
N ASN A 15 -3.48 -0.64 -6.33
CA ASN A 15 -3.63 -0.24 -7.76
C ASN A 15 -3.73 -1.44 -8.75
N GLN A 16 -2.71 -2.31 -8.65
CA GLN A 16 -2.54 -3.52 -9.45
C GLN A 16 -3.39 -4.77 -9.02
N ASN A 17 -3.86 -4.83 -7.76
CA ASN A 17 -4.71 -5.92 -7.23
C ASN A 17 -5.60 -5.32 -6.09
N LEU A 18 -6.72 -4.64 -6.44
CA LEU A 18 -7.70 -4.07 -5.46
C LEU A 18 -8.22 -5.00 -4.33
N PHE A 19 -8.42 -6.29 -4.66
CA PHE A 19 -8.86 -7.36 -3.76
C PHE A 19 -7.67 -7.95 -2.93
N LYS A 20 -6.98 -7.14 -2.10
CA LYS A 20 -5.83 -7.56 -1.27
C LYS A 20 -6.27 -8.34 0.00
N LYS A 1 11.68 8.22 10.19
CA LYS A 1 11.04 7.20 9.33
C LYS A 1 9.57 7.65 9.28
N MET A 2 9.28 8.60 8.37
CA MET A 2 7.92 9.17 8.20
C MET A 2 7.63 9.48 6.69
N ASN A 3 7.62 8.41 5.89
CA ASN A 3 7.33 8.41 4.44
C ASN A 3 6.52 7.13 4.12
N MET A 4 6.98 5.91 4.54
CA MET A 4 6.22 4.66 4.33
C MET A 4 5.05 4.48 5.38
N LEU A 5 4.45 5.58 5.89
CA LEU A 5 3.33 5.60 6.84
C LEU A 5 2.02 5.44 6.02
N LYS A 6 1.77 6.42 5.11
CA LYS A 6 0.62 6.43 4.17
C LYS A 6 0.96 5.56 2.92
N GLU A 7 2.22 5.57 2.41
CA GLU A 7 2.65 4.74 1.26
C GLU A 7 2.53 3.22 1.58
N ASN A 8 2.87 2.74 2.81
CA ASN A 8 2.67 1.28 3.16
C ASN A 8 1.15 0.92 3.12
N VAL A 9 0.31 1.77 3.75
CA VAL A 9 -1.17 1.64 3.78
C VAL A 9 -1.88 1.81 2.37
N ASP A 10 -1.13 2.23 1.32
CA ASP A 10 -1.54 2.39 -0.08
C ASP A 10 -1.03 1.13 -0.86
N TYR A 11 0.18 0.60 -0.53
CA TYR A 11 0.81 -0.62 -1.12
C TYR A 11 0.06 -1.96 -0.84
N ILE A 12 -0.45 -2.17 0.41
CA ILE A 12 -1.24 -3.37 0.80
C ILE A 12 -2.56 -3.37 -0.01
N GLN A 13 -3.33 -2.26 0.04
CA GLN A 13 -4.57 -2.10 -0.75
C GLN A 13 -4.27 -2.15 -2.29
N LYS A 14 -3.07 -1.69 -2.76
CA LYS A 14 -2.70 -1.77 -4.20
C LYS A 14 -2.49 -3.25 -4.66
N ASN A 15 -1.68 -4.04 -3.93
CA ASN A 15 -1.40 -5.48 -4.20
C ASN A 15 -2.66 -6.37 -4.44
N GLN A 16 -3.52 -6.37 -3.42
CA GLN A 16 -4.79 -7.11 -3.35
C GLN A 16 -5.87 -6.75 -4.41
N ASN A 17 -5.96 -5.47 -4.82
CA ASN A 17 -6.92 -5.00 -5.87
C ASN A 17 -6.58 -5.46 -7.32
N LEU A 18 -5.29 -5.68 -7.67
CA LEU A 18 -4.86 -6.16 -9.01
C LEU A 18 -5.45 -7.55 -9.40
N PHE A 19 -5.12 -8.58 -8.62
CA PHE A 19 -5.63 -9.96 -8.80
C PHE A 19 -7.12 -10.14 -8.40
N LYS A 20 -7.50 -9.76 -7.17
CA LYS A 20 -8.90 -9.84 -6.67
C LYS A 20 -9.59 -8.48 -6.94
N LYS A 1 8.99 10.41 9.93
CA LYS A 1 8.54 9.84 8.63
C LYS A 1 8.20 8.38 8.98
N MET A 2 7.02 8.18 9.60
CA MET A 2 6.53 6.84 10.00
C MET A 2 5.00 6.69 9.81
N ASN A 3 4.60 6.78 8.53
CA ASN A 3 3.21 6.65 8.05
C ASN A 3 3.32 6.06 6.62
N MET A 4 3.95 6.76 5.65
CA MET A 4 4.13 6.23 4.27
C MET A 4 5.17 5.06 4.12
N LEU A 5 5.53 4.39 5.23
CA LEU A 5 6.45 3.24 5.31
C LEU A 5 5.60 2.00 4.91
N LYS A 6 4.75 1.52 5.84
CA LYS A 6 3.83 0.40 5.59
C LYS A 6 2.61 0.86 4.73
N GLU A 7 2.10 2.11 4.86
CA GLU A 7 0.99 2.63 4.02
C GLU A 7 1.39 2.74 2.53
N ASN A 8 2.63 3.17 2.14
CA ASN A 8 3.02 3.19 0.69
C ASN A 8 3.04 1.74 0.11
N VAL A 9 3.66 0.79 0.85
CA VAL A 9 3.75 -0.64 0.50
C VAL A 9 2.35 -1.38 0.45
N ASP A 10 1.30 -0.78 1.05
CA ASP A 10 -0.10 -1.24 1.06
C ASP A 10 -0.82 -0.60 -0.17
N TYR A 11 -0.54 0.70 -0.50
CA TYR A 11 -1.08 1.45 -1.65
C TYR A 11 -0.68 0.89 -3.05
N ILE A 12 0.61 0.52 -3.25
CA ILE A 12 1.13 -0.08 -4.51
C ILE A 12 0.43 -1.48 -4.68
N GLN A 13 0.50 -2.34 -3.64
CA GLN A 13 -0.16 -3.66 -3.63
C GLN A 13 -1.72 -3.52 -3.78
N LYS A 14 -2.35 -2.41 -3.29
CA LYS A 14 -3.80 -2.16 -3.43
C LYS A 14 -4.18 -1.82 -4.91
N ASN A 15 -3.49 -0.85 -5.55
CA ASN A 15 -3.70 -0.45 -6.97
C ASN A 15 -3.74 -1.62 -8.00
N GLN A 16 -2.69 -2.44 -7.93
CA GLN A 16 -2.46 -3.62 -8.78
C GLN A 16 -3.34 -4.88 -8.47
N ASN A 17 -3.79 -5.08 -7.20
CA ASN A 17 -4.66 -6.20 -6.79
C ASN A 17 -5.76 -5.69 -5.81
N LEU A 18 -6.71 -4.86 -6.30
CA LEU A 18 -7.86 -4.33 -5.52
C LEU A 18 -8.80 -5.37 -4.82
N PHE A 19 -9.08 -6.47 -5.52
CA PHE A 19 -9.90 -7.61 -5.04
C PHE A 19 -9.23 -8.44 -3.88
N LYS A 20 -9.94 -9.45 -3.31
CA LYS A 20 -9.41 -10.31 -2.23
C LYS A 20 -8.50 -11.43 -2.82
N LYS A 1 8.98 9.95 10.70
CA LYS A 1 8.36 9.42 9.47
C LYS A 1 7.45 8.32 10.03
N MET A 2 7.68 7.08 9.59
CA MET A 2 6.93 5.87 10.06
C MET A 2 5.38 5.93 9.92
N ASN A 3 4.95 6.15 8.66
CA ASN A 3 3.52 6.21 8.26
C ASN A 3 3.47 5.97 6.74
N MET A 4 4.00 6.89 5.88
CA MET A 4 4.02 6.67 4.41
C MET A 4 5.05 5.60 3.88
N LEU A 5 5.59 4.79 4.78
CA LEU A 5 6.53 3.69 4.53
C LEU A 5 5.66 2.43 4.29
N LYS A 6 4.99 1.95 5.36
CA LYS A 6 4.05 0.81 5.31
C LYS A 6 2.75 1.16 4.50
N GLU A 7 2.26 2.42 4.58
CA GLU A 7 1.07 2.88 3.81
C GLU A 7 1.42 2.96 2.30
N ASN A 8 2.63 3.42 1.87
CA ASN A 8 2.98 3.43 0.41
C ASN A 8 3.01 1.97 -0.16
N VAL A 9 3.66 1.03 0.57
CA VAL A 9 3.75 -0.40 0.23
C VAL A 9 2.35 -1.14 0.21
N ASP A 10 1.32 -0.58 0.90
CA ASP A 10 -0.06 -1.05 0.96
C ASP A 10 -0.83 -0.44 -0.26
N TYR A 11 -0.55 0.84 -0.64
CA TYR A 11 -1.14 1.56 -1.79
C TYR A 11 -0.78 0.97 -3.19
N ILE A 12 0.51 0.61 -3.42
CA ILE A 12 1.00 -0.03 -4.68
C ILE A 12 0.34 -1.43 -4.77
N GLN A 13 0.46 -2.26 -3.71
CA GLN A 13 -0.17 -3.59 -3.64
C GLN A 13 -1.74 -3.49 -3.74
N LYS A 14 -2.37 -2.36 -3.26
CA LYS A 14 -3.84 -2.16 -3.38
C LYS A 14 -4.25 -1.94 -4.88
N ASN A 15 -3.62 -0.98 -5.58
CA ASN A 15 -3.87 -0.66 -7.02
C ASN A 15 -3.82 -1.90 -7.98
N GLN A 16 -2.72 -2.66 -7.85
CA GLN A 16 -2.42 -3.89 -8.59
C GLN A 16 -3.41 -5.08 -8.33
N ASN A 17 -3.76 -5.34 -7.06
CA ASN A 17 -4.68 -6.43 -6.66
C ASN A 17 -5.81 -5.93 -5.71
N LEU A 18 -6.72 -5.07 -6.23
CA LEU A 18 -7.89 -4.53 -5.47
C LEU A 18 -8.82 -5.60 -4.81
N PHE A 19 -9.21 -6.60 -5.62
CA PHE A 19 -10.05 -7.75 -5.24
C PHE A 19 -9.20 -8.94 -4.67
N LYS A 20 -8.44 -8.73 -3.56
CA LYS A 20 -7.59 -9.77 -2.94
C LYS A 20 -8.44 -10.75 -2.06
N LYS A 1 10.62 11.32 8.41
CA LYS A 1 10.21 10.46 7.27
C LYS A 1 9.38 9.33 7.94
N MET A 2 8.13 9.68 8.33
CA MET A 2 7.19 8.76 9.00
C MET A 2 5.73 8.90 8.47
N ASN A 3 5.59 8.76 7.13
CA ASN A 3 4.32 8.80 6.40
C ASN A 3 4.37 7.66 5.35
N MET A 4 5.35 7.66 4.40
CA MET A 4 5.48 6.57 3.40
C MET A 4 6.00 5.18 3.94
N LEU A 5 5.95 4.98 5.28
CA LEU A 5 6.34 3.75 5.99
C LEU A 5 5.11 2.82 5.92
N LYS A 6 4.07 3.11 6.73
CA LYS A 6 2.80 2.36 6.74
C LYS A 6 1.96 2.66 5.46
N GLU A 7 2.00 3.90 4.89
CA GLU A 7 1.28 4.25 3.64
C GLU A 7 1.85 3.49 2.43
N ASN A 8 3.21 3.29 2.28
CA ASN A 8 3.75 2.50 1.14
C ASN A 8 3.27 1.01 1.22
N VAL A 9 3.37 0.40 2.42
CA VAL A 9 2.92 -0.98 2.72
C VAL A 9 1.35 -1.19 2.54
N ASP A 10 0.55 -0.09 2.55
CA ASP A 10 -0.90 -0.05 2.34
C ASP A 10 -1.14 0.09 0.79
N TYR A 11 -0.31 0.88 0.06
CA TYR A 11 -0.36 1.10 -1.40
C TYR A 11 -0.05 -0.16 -2.26
N ILE A 12 1.00 -0.94 -1.90
CA ILE A 12 1.40 -2.21 -2.59
C ILE A 12 0.26 -3.23 -2.34
N GLN A 13 -0.15 -3.44 -1.06
CA GLN A 13 -1.27 -4.33 -0.70
C GLN A 13 -2.61 -3.85 -1.34
N LYS A 14 -2.83 -2.52 -1.55
CA LYS A 14 -4.05 -1.99 -2.21
C LYS A 14 -4.09 -2.34 -3.74
N ASN A 15 -2.99 -2.08 -4.48
CA ASN A 15 -2.85 -2.39 -5.93
C ASN A 15 -3.29 -3.83 -6.36
N GLN A 16 -2.69 -4.80 -5.67
CA GLN A 16 -2.90 -6.23 -5.85
C GLN A 16 -4.27 -6.82 -5.41
N ASN A 17 -4.92 -6.28 -4.35
CA ASN A 17 -6.25 -6.73 -3.88
C ASN A 17 -7.48 -6.37 -4.77
N LEU A 18 -7.43 -5.27 -5.56
CA LEU A 18 -8.53 -4.83 -6.45
C LEU A 18 -9.04 -5.86 -7.50
N PHE A 19 -8.12 -6.50 -8.23
CA PHE A 19 -8.39 -7.54 -9.23
C PHE A 19 -8.52 -8.98 -8.64
N LYS A 20 -9.43 -9.20 -7.66
CA LYS A 20 -9.64 -10.52 -7.02
C LYS A 20 -10.58 -11.41 -7.89
N LYS A 1 11.16 9.58 9.40
CA LYS A 1 10.72 8.43 8.57
C LYS A 1 9.22 8.33 8.93
N MET A 2 8.39 9.19 8.30
CA MET A 2 6.93 9.24 8.52
C MET A 2 6.11 9.57 7.25
N ASN A 3 6.38 8.80 6.18
CA ASN A 3 5.70 8.89 4.86
C ASN A 3 5.46 7.44 4.38
N MET A 4 6.52 6.61 4.18
CA MET A 4 6.36 5.19 3.77
C MET A 4 5.79 4.21 4.87
N LEU A 5 5.19 4.75 5.94
CA LEU A 5 4.56 4.01 7.05
C LEU A 5 3.15 3.60 6.56
N LYS A 6 2.20 4.54 6.55
CA LYS A 6 0.83 4.32 6.05
C LYS A 6 0.81 4.22 4.49
N GLU A 7 1.68 4.96 3.75
CA GLU A 7 1.77 4.89 2.26
C GLU A 7 2.25 3.50 1.80
N ASN A 8 3.25 2.83 2.46
CA ASN A 8 3.66 1.45 2.05
C ASN A 8 2.48 0.44 2.25
N VAL A 9 1.82 0.50 3.42
CA VAL A 9 0.65 -0.33 3.78
C VAL A 9 -0.61 -0.08 2.86
N ASP A 10 -0.68 1.07 2.15
CA ASP A 10 -1.72 1.47 1.20
C ASP A 10 -1.30 0.91 -0.22
N TYR A 11 0.02 0.92 -0.56
CA TYR A 11 0.60 0.39 -1.82
C TYR A 11 0.47 -1.16 -1.99
N ILE A 12 0.76 -1.95 -0.93
CA ILE A 12 0.62 -3.42 -0.91
C ILE A 12 -0.89 -3.76 -1.05
N GLN A 13 -1.75 -3.15 -0.19
CA GLN A 13 -3.22 -3.32 -0.25
C GLN A 13 -3.78 -2.82 -1.64
N LYS A 14 -3.16 -1.80 -2.30
CA LYS A 14 -3.61 -1.32 -3.63
C LYS A 14 -3.34 -2.40 -4.74
N ASN A 15 -2.10 -2.92 -4.83
CA ASN A 15 -1.68 -3.98 -5.79
C ASN A 15 -2.63 -5.21 -5.88
N GLN A 16 -2.77 -5.85 -4.70
CA GLN A 16 -3.58 -7.05 -4.46
C GLN A 16 -5.12 -6.92 -4.69
N ASN A 17 -5.72 -5.75 -4.40
CA ASN A 17 -7.17 -5.49 -4.61
C ASN A 17 -7.59 -5.35 -6.11
N LEU A 18 -6.70 -4.91 -7.03
CA LEU A 18 -7.00 -4.77 -8.49
C LEU A 18 -7.33 -6.13 -9.16
N PHE A 19 -6.38 -7.07 -9.16
CA PHE A 19 -6.53 -8.43 -9.73
C PHE A 19 -7.44 -9.37 -8.87
N LYS A 20 -7.12 -9.54 -7.58
CA LYS A 20 -7.92 -10.37 -6.64
C LYS A 20 -8.98 -9.49 -5.93
N LYS A 1 7.85 12.51 9.55
CA LYS A 1 6.93 11.76 8.69
C LYS A 1 7.81 10.61 8.15
N MET A 2 7.93 9.53 8.96
CA MET A 2 8.76 8.36 8.60
C MET A 2 8.13 7.04 9.15
N ASN A 3 6.95 6.71 8.58
CA ASN A 3 6.16 5.49 8.87
C ASN A 3 5.34 5.19 7.60
N MET A 4 4.54 6.15 7.06
CA MET A 4 3.77 5.95 5.81
C MET A 4 4.68 6.02 4.51
N LEU A 5 5.98 5.69 4.62
CA LEU A 5 6.96 5.65 3.52
C LEU A 5 6.78 4.30 2.75
N LYS A 6 7.00 3.19 3.48
CA LYS A 6 6.83 1.81 3.01
C LYS A 6 5.35 1.36 3.21
N GLU A 7 4.67 1.77 4.32
CA GLU A 7 3.23 1.44 4.57
C GLU A 7 2.31 2.06 3.49
N ASN A 8 2.54 3.30 2.98
CA ASN A 8 1.68 3.87 1.90
C ASN A 8 1.87 3.05 0.58
N VAL A 9 3.13 2.75 0.21
CA VAL A 9 3.52 1.93 -0.96
C VAL A 9 3.02 0.43 -0.87
N ASP A 10 2.64 -0.05 0.33
CA ASP A 10 2.10 -1.38 0.63
C ASP A 10 0.52 -1.28 0.51
N TYR A 11 -0.10 -0.15 0.97
CA TYR A 11 -1.55 0.13 0.90
C TYR A 11 -2.13 0.30 -0.54
N ILE A 12 -1.46 1.10 -1.39
CA ILE A 12 -1.84 1.33 -2.82
C ILE A 12 -1.66 0.00 -3.58
N GLN A 13 -0.47 -0.65 -3.46
CA GLN A 13 -0.18 -1.96 -4.07
C GLN A 13 -1.17 -3.06 -3.52
N LYS A 14 -1.64 -2.98 -2.24
CA LYS A 14 -2.62 -3.96 -1.69
C LYS A 14 -4.02 -3.81 -2.37
N ASN A 15 -4.57 -2.58 -2.39
CA ASN A 15 -5.88 -2.24 -3.04
C ASN A 15 -6.11 -2.80 -4.47
N GLN A 16 -5.10 -2.54 -5.31
CA GLN A 16 -5.04 -2.94 -6.72
C GLN A 16 -4.83 -4.46 -7.01
N ASN A 17 -4.03 -5.19 -6.20
CA ASN A 17 -3.81 -6.66 -6.38
C ASN A 17 -5.03 -7.59 -6.05
N LEU A 18 -6.03 -7.13 -5.27
CA LEU A 18 -7.22 -7.92 -4.87
C LEU A 18 -8.28 -8.02 -6.04
N PHE A 19 -8.00 -8.88 -7.05
CA PHE A 19 -8.89 -9.07 -8.22
C PHE A 19 -10.01 -10.12 -7.96
N LYS A 20 -9.63 -11.41 -7.84
CA LYS A 20 -10.59 -12.53 -7.59
C LYS A 20 -11.07 -12.57 -6.11
#